data_4ZIY
#
_entry.id   4ZIY
#
_cell.length_a   86.090
_cell.length_b   86.090
_cell.length_c   131.010
_cell.angle_alpha   90.000
_cell.angle_beta   90.000
_cell.angle_gamma   120.000
#
_symmetry.space_group_name_H-M   'P 32 2 1'
#
loop_
_entity.id
_entity.type
_entity.pdbx_description
1 polymer 'UDP-N-acetylmuramoyl-tripeptide--D-alanyl-D-alanine ligase'
2 non-polymer 'PHOSPHOAMINOPHOSPHONIC ACID-ADENYLATE ESTER'
3 non-polymer 'MAGNESIUM ION'
4 non-polymer 1,2-ETHANEDIOL
5 water water
#
_entity_poly.entity_id   1
_entity_poly.type   'polypeptide(L)'
_entity_poly.pdbx_seq_one_letter_code
;MAHHHHHHMHTSTTSTVPLEPWTAQQLQQATQGYWHKDQIPQTEIKRILTDSRHAESGDAFLALKGERFDAHNFVAQVVA
NGCQVAIVERPIDAEIAQLVVADTRLALGQLGAYRREQNAQLKVIALTGSSGKTTTKEMLGSILSRLAPTLITRGNLNND
LGVPMMLLELRKEHQYAVMELGANHQGEIDYTSKIVQPHVAGILNIGTAHLGEFGGRDGICRAKSEIYRHILPQGVAIVP
QQDDFTAEIREAAKSHQIMSFGAGGDVFATEIELLPQSANFQLHTPQGSSFVRLPFAGEHNVQNATAAVAFALALGVSLE
DIVKGLEQAQGAKGRLNFIQKTPHLFIDDTYNANPTSMRAAAQVLLQQNGIKVMVMGDIGELGDSSWQEHHDLGRDLAEL
PLDHIVAVGQFASAALEGAGLHSTKLKAFQTQAEALPFLINLIQTHQPQSMSFLFKGSRFTHMETLMADLMEKL
;
_entity_poly.pdbx_strand_id   A
#
# COMPACT_ATOMS: atom_id res chain seq x y z
N SER A 15 -1.23 16.59 -5.73
CA SER A 15 -0.67 16.42 -4.39
C SER A 15 -0.26 17.75 -3.78
N THR A 16 0.34 17.67 -2.59
CA THR A 16 0.60 18.85 -1.75
C THR A 16 2.03 18.92 -1.18
N VAL A 17 2.88 17.94 -1.52
CA VAL A 17 4.29 17.97 -1.11
C VAL A 17 5.06 18.95 -2.01
N PRO A 18 6.29 19.33 -1.60
CA PRO A 18 7.10 20.16 -2.51
C PRO A 18 7.37 19.46 -3.85
N LEU A 19 7.15 20.16 -4.96
CA LEU A 19 7.37 19.56 -6.27
C LEU A 19 8.38 20.32 -7.12
N GLU A 20 9.21 19.57 -7.86
CA GLU A 20 10.08 20.20 -8.85
C GLU A 20 9.25 20.55 -10.06
N PRO A 21 9.36 21.79 -10.54
CA PRO A 21 8.51 22.22 -11.66
C PRO A 21 8.87 21.56 -12.98
N TRP A 22 7.95 21.62 -13.94
CA TRP A 22 8.19 21.23 -15.33
C TRP A 22 8.29 22.44 -16.25
N THR A 23 9.11 22.35 -17.29
CA THR A 23 9.07 23.34 -18.37
C THR A 23 8.12 22.82 -19.48
N ALA A 24 7.64 23.73 -20.31
CA ALA A 24 6.79 23.29 -21.43
C ALA A 24 7.58 22.33 -22.33
N GLN A 25 8.87 22.59 -22.50
CA GLN A 25 9.71 21.75 -23.36
CA GLN A 25 9.71 21.75 -23.35
C GLN A 25 9.81 20.33 -22.80
N GLN A 26 9.94 20.21 -21.48
CA GLN A 26 10.03 18.88 -20.87
C GLN A 26 8.72 18.12 -21.03
N LEU A 27 7.60 18.81 -20.89
CA LEU A 27 6.30 18.17 -21.03
C LEU A 27 6.16 17.61 -22.43
N GLN A 28 6.57 18.40 -23.41
CA GLN A 28 6.45 18.02 -24.82
C GLN A 28 7.40 16.89 -25.15
N GLN A 29 8.61 16.96 -24.61
CA GLN A 29 9.60 15.92 -24.92
C GLN A 29 9.17 14.58 -24.33
N ALA A 30 8.60 14.60 -23.13
CA ALA A 30 8.19 13.36 -22.46
C ALA A 30 7.03 12.67 -23.19
N THR A 31 6.13 13.48 -23.76
CA THR A 31 4.91 12.95 -24.37
C THR A 31 4.94 12.91 -25.88
N GLN A 32 5.91 13.61 -26.47
CA GLN A 32 5.95 13.79 -27.94
C GLN A 32 4.64 14.38 -28.47
N GLY A 33 3.98 15.18 -27.63
CA GLY A 33 2.75 15.86 -28.00
C GLY A 33 3.03 17.11 -28.84
N TYR A 34 1.99 17.85 -29.20
CA TYR A 34 2.21 19.14 -29.83
C TYR A 34 1.33 20.19 -29.17
N TRP A 35 1.79 21.44 -29.17
CA TRP A 35 1.01 22.52 -28.56
C TRP A 35 -0.03 23.03 -29.56
N HIS A 36 -1.30 23.03 -29.14
CA HIS A 36 -2.42 23.44 -29.98
C HIS A 36 -2.26 24.89 -30.45
N LYS A 37 -2.35 25.08 -31.76
CA LYS A 37 -2.23 26.40 -32.39
C LYS A 37 -0.91 27.09 -32.05
N ASP A 38 0.07 26.27 -31.66
CA ASP A 38 1.42 26.73 -31.30
C ASP A 38 1.45 27.72 -30.15
N GLN A 39 0.47 27.63 -29.25
CA GLN A 39 0.47 28.44 -28.04
C GLN A 39 1.24 27.72 -26.96
N ILE A 40 2.45 28.18 -26.68
CA ILE A 40 3.35 27.54 -25.75
C ILE A 40 3.43 28.32 -24.45
N PRO A 41 3.18 27.66 -23.31
CA PRO A 41 3.30 28.33 -22.00
C PRO A 41 4.72 28.90 -21.86
N GLN A 42 4.82 30.14 -21.37
CA GLN A 42 6.12 30.77 -21.22
C GLN A 42 6.61 30.77 -19.76
N THR A 43 5.80 30.19 -18.88
CA THR A 43 6.13 30.07 -17.47
C THR A 43 6.17 28.60 -17.10
N GLU A 44 6.85 28.24 -16.01
CA GLU A 44 6.98 26.83 -15.70
CA GLU A 44 7.00 26.84 -15.63
C GLU A 44 5.70 26.29 -15.04
N ILE A 45 5.54 24.98 -15.12
CA ILE A 45 4.35 24.29 -14.63
C ILE A 45 4.70 23.74 -13.26
N LYS A 46 3.96 24.12 -12.22
CA LYS A 46 4.36 23.76 -10.86
C LYS A 46 3.89 22.36 -10.45
N ARG A 47 2.90 21.82 -11.18
CA ARG A 47 2.23 20.59 -10.76
C ARG A 47 1.35 20.07 -11.89
N ILE A 48 1.30 18.76 -12.05
CA ILE A 48 0.40 18.09 -13.00
C ILE A 48 -0.67 17.38 -12.19
N LEU A 49 -1.94 17.67 -12.42
CA LEU A 49 -2.98 16.99 -11.66
C LEU A 49 -4.16 16.61 -12.53
N THR A 50 -4.99 15.70 -12.03
CA THR A 50 -6.09 15.13 -12.80
C THR A 50 -7.47 15.51 -12.24
N ASP A 51 -7.48 16.19 -11.10
CA ASP A 51 -8.71 16.58 -10.41
C ASP A 51 -9.13 18.00 -10.83
N SER A 52 -10.21 18.12 -11.59
CA SER A 52 -10.62 19.42 -12.13
C SER A 52 -11.02 20.42 -11.06
N ARG A 53 -11.33 19.92 -9.86
CA ARG A 53 -11.72 20.78 -8.74
C ARG A 53 -10.57 21.62 -8.22
N HIS A 54 -9.35 21.11 -8.41
CA HIS A 54 -8.18 21.68 -7.73
C HIS A 54 -7.18 22.40 -8.63
N ALA A 55 -7.33 22.26 -9.95
CA ALA A 55 -6.40 22.90 -10.89
C ALA A 55 -6.49 24.43 -10.78
N GLU A 56 -5.35 25.10 -10.79
CA GLU A 56 -5.31 26.55 -10.59
C GLU A 56 -4.17 27.12 -11.44
N SER A 57 -3.96 28.43 -11.34
CA SER A 57 -2.88 29.08 -12.08
C SER A 57 -1.53 28.44 -11.78
N GLY A 58 -0.85 27.97 -12.82
CA GLY A 58 0.44 27.33 -12.66
C GLY A 58 0.41 25.83 -12.84
N ASP A 59 -0.76 25.24 -12.68
CA ASP A 59 -0.92 23.80 -12.89
C ASP A 59 -1.08 23.45 -14.37
N ALA A 60 -0.76 22.20 -14.69
CA ALA A 60 -1.23 21.56 -15.92
C ALA A 60 -2.32 20.57 -15.56
N PHE A 61 -3.50 20.76 -16.14
CA PHE A 61 -4.62 19.81 -15.97
C PHE A 61 -4.53 18.70 -17.01
N LEU A 62 -4.25 17.48 -16.56
CA LEU A 62 -4.22 16.33 -17.46
C LEU A 62 -5.58 15.64 -17.45
N ALA A 63 -6.24 15.62 -18.60
CA ALA A 63 -7.63 15.15 -18.69
C ALA A 63 -7.70 13.66 -19.02
N LEU A 64 -8.07 12.84 -18.04
CA LEU A 64 -8.19 11.39 -18.21
C LEU A 64 -9.60 11.00 -18.61
N LYS A 65 -9.72 9.92 -19.38
CA LYS A 65 -11.03 9.32 -19.53
C LYS A 65 -10.99 7.86 -19.09
N GLY A 66 -12.16 7.30 -18.85
CA GLY A 66 -12.28 5.93 -18.41
C GLY A 66 -13.70 5.45 -18.54
N GLU A 67 -14.09 4.50 -17.70
CA GLU A 67 -15.40 3.88 -17.81
C GLU A 67 -16.50 4.89 -17.50
N ARG A 68 -17.21 5.29 -18.56
CA ARG A 68 -18.35 6.21 -18.47
C ARG A 68 -17.97 7.57 -17.88
N PHE A 69 -16.73 7.97 -18.07
CA PHE A 69 -16.21 9.22 -17.52
CA PHE A 69 -16.30 9.28 -17.59
C PHE A 69 -15.23 9.86 -18.50
N ASP A 70 -15.16 11.19 -18.53
CA ASP A 70 -14.22 11.87 -19.39
C ASP A 70 -13.94 13.27 -18.88
N ALA A 71 -12.78 13.45 -18.25
CA ALA A 71 -12.48 14.74 -17.64
C ALA A 71 -12.29 15.84 -18.66
N HIS A 72 -12.22 15.51 -19.97
CA HIS A 72 -12.31 16.57 -20.97
C HIS A 72 -13.60 17.37 -20.79
N ASN A 73 -14.62 16.74 -20.20
CA ASN A 73 -15.88 17.44 -19.93
C ASN A 73 -15.75 18.62 -18.96
N PHE A 74 -14.67 18.64 -18.17
CA PHE A 74 -14.53 19.64 -17.12
C PHE A 74 -13.45 20.69 -17.39
N VAL A 75 -12.98 20.79 -18.62
CA VAL A 75 -11.88 21.73 -18.89
C VAL A 75 -12.32 23.17 -18.63
N ALA A 76 -13.59 23.48 -18.88
CA ALA A 76 -14.06 24.86 -18.67
C ALA A 76 -13.97 25.23 -17.19
N GLN A 77 -14.14 24.25 -16.31
CA GLN A 77 -14.00 24.49 -14.87
C GLN A 77 -12.56 24.92 -14.49
N VAL A 78 -11.56 24.25 -15.05
CA VAL A 78 -10.17 24.60 -14.68
C VAL A 78 -9.81 25.95 -15.29
N VAL A 79 -10.36 26.28 -16.46
CA VAL A 79 -10.15 27.61 -17.02
C VAL A 79 -10.76 28.69 -16.15
N ALA A 80 -11.99 28.46 -15.67
CA ALA A 80 -12.67 29.45 -14.85
C ALA A 80 -11.90 29.65 -13.55
N ASN A 81 -11.18 28.62 -13.12
CA ASN A 81 -10.45 28.68 -11.85
C ASN A 81 -9.00 29.14 -12.00
N GLY A 82 -8.61 29.55 -13.21
CA GLY A 82 -7.31 30.17 -13.43
C GLY A 82 -6.20 29.30 -14.03
N CYS A 83 -6.49 28.03 -14.24
CA CYS A 83 -5.53 27.13 -14.88
C CYS A 83 -5.38 27.53 -16.35
N GLN A 84 -4.14 27.55 -16.84
CA GLN A 84 -3.86 28.02 -18.19
C GLN A 84 -3.08 27.00 -19.01
N VAL A 85 -2.96 25.78 -18.50
CA VAL A 85 -2.29 24.70 -19.23
C VAL A 85 -3.05 23.39 -19.06
N ALA A 86 -3.34 22.71 -20.16
CA ALA A 86 -3.97 21.39 -20.08
C ALA A 86 -3.25 20.41 -21.00
N ILE A 87 -3.34 19.12 -20.66
CA ILE A 87 -2.81 18.04 -21.49
C ILE A 87 -4.01 17.18 -21.89
N VAL A 88 -4.28 17.06 -23.19
CA VAL A 88 -5.57 16.58 -23.64
C VAL A 88 -5.41 15.65 -24.84
N GLU A 89 -6.45 14.88 -25.14
CA GLU A 89 -6.42 14.00 -26.33
C GLU A 89 -6.96 14.68 -27.57
N ARG A 90 -7.67 15.77 -27.35
CA ARG A 90 -8.30 16.50 -28.45
C ARG A 90 -8.46 17.96 -28.07
N PRO A 91 -8.25 18.87 -29.03
CA PRO A 91 -8.28 20.32 -28.77
C PRO A 91 -9.65 20.81 -28.33
N ILE A 92 -9.67 21.56 -27.24
CA ILE A 92 -10.90 22.11 -26.71
CA ILE A 92 -10.90 22.11 -26.70
C ILE A 92 -11.01 23.57 -27.08
N ASP A 93 -12.22 24.02 -27.39
CA ASP A 93 -12.45 25.42 -27.72
C ASP A 93 -12.46 26.26 -26.44
N ALA A 94 -11.27 26.61 -25.96
CA ALA A 94 -11.14 27.39 -24.72
C ALA A 94 -9.82 28.13 -24.63
N GLU A 95 -9.78 29.19 -23.83
CA GLU A 95 -8.59 30.00 -23.65
C GLU A 95 -7.63 29.33 -22.67
N ILE A 96 -6.89 28.34 -23.17
CA ILE A 96 -5.93 27.61 -22.36
C ILE A 96 -4.92 26.97 -23.30
N ALA A 97 -3.65 26.96 -22.92
CA ALA A 97 -2.65 26.26 -23.74
C ALA A 97 -2.92 24.78 -23.62
N GLN A 98 -2.77 24.04 -24.72
CA GLN A 98 -3.13 22.64 -24.73
C GLN A 98 -2.07 21.78 -25.42
N LEU A 99 -1.47 20.88 -24.65
CA LEU A 99 -0.55 19.88 -25.16
C LEU A 99 -1.37 18.66 -25.60
N VAL A 100 -1.46 18.45 -26.91
CA VAL A 100 -2.32 17.42 -27.51
C VAL A 100 -1.55 16.11 -27.67
N VAL A 101 -2.06 15.04 -27.04
CA VAL A 101 -1.44 13.72 -27.11
C VAL A 101 -2.47 12.70 -27.60
N ALA A 102 -2.01 11.53 -28.04
CA ALA A 102 -2.92 10.52 -28.58
C ALA A 102 -3.78 9.90 -27.48
N ASP A 103 -3.20 9.77 -26.29
CA ASP A 103 -3.78 9.00 -25.20
C ASP A 103 -3.25 9.56 -23.86
N THR A 104 -4.11 10.18 -23.08
CA THR A 104 -3.61 10.84 -21.86
C THR A 104 -3.26 9.86 -20.75
N ARG A 105 -3.80 8.65 -20.78
CA ARG A 105 -3.40 7.65 -19.78
C ARG A 105 -1.95 7.23 -20.03
N LEU A 106 -1.62 7.02 -21.30
CA LEU A 106 -0.25 6.68 -21.70
C LEU A 106 0.70 7.86 -21.42
N ALA A 107 0.23 9.07 -21.71
CA ALA A 107 1.03 10.27 -21.49
C ALA A 107 1.38 10.43 -20.02
N LEU A 108 0.44 10.14 -19.13
CA LEU A 108 0.73 10.21 -17.68
C LEU A 108 1.83 9.20 -17.35
N GLY A 109 1.74 8.01 -17.92
CA GLY A 109 2.80 7.01 -17.72
C GLY A 109 4.15 7.50 -18.21
N GLN A 110 4.15 8.16 -19.37
CA GLN A 110 5.39 8.67 -19.99
C GLN A 110 6.01 9.81 -19.17
N LEU A 111 5.15 10.65 -18.60
CA LEU A 111 5.62 11.75 -17.76
C LEU A 111 6.31 11.22 -16.49
N GLY A 112 5.70 10.23 -15.85
CA GLY A 112 6.33 9.58 -14.73
C GLY A 112 7.62 8.87 -15.10
N ALA A 113 7.63 8.23 -16.26
CA ALA A 113 8.81 7.49 -16.69
C ALA A 113 9.96 8.44 -16.99
N TYR A 114 9.63 9.56 -17.62
CA TYR A 114 10.61 10.60 -17.96
C TYR A 114 11.24 11.18 -16.70
N ARG A 115 10.43 11.50 -15.70
CA ARG A 115 10.97 12.08 -14.47
C ARG A 115 11.86 11.07 -13.72
N ARG A 116 11.42 9.81 -13.67
CA ARG A 116 12.23 8.74 -13.09
C ARG A 116 13.59 8.66 -13.78
N GLU A 117 13.59 8.74 -15.11
CA GLU A 117 14.83 8.63 -15.86
C GLU A 117 15.75 9.85 -15.65
N GLN A 118 15.17 11.03 -15.47
CA GLN A 118 15.99 12.23 -15.32
C GLN A 118 16.70 12.23 -13.97
N ASN A 119 16.15 11.48 -13.02
CA ASN A 119 16.71 11.40 -11.68
C ASN A 119 17.67 10.21 -11.56
N ALA A 120 18.82 10.34 -12.18
CA ALA A 120 19.77 9.23 -12.33
C ALA A 120 20.49 8.90 -11.04
N GLN A 121 20.36 9.78 -10.04
CA GLN A 121 21.00 9.57 -8.75
C GLN A 121 20.29 8.50 -7.90
N LEU A 122 19.08 8.13 -8.31
CA LEU A 122 18.22 7.23 -7.55
C LEU A 122 18.66 5.77 -7.54
N LYS A 123 18.50 5.12 -6.39
CA LYS A 123 18.41 3.65 -6.31
C LYS A 123 16.97 3.30 -6.04
N VAL A 124 16.42 2.36 -6.80
CA VAL A 124 14.98 2.15 -6.86
C VAL A 124 14.57 0.72 -6.51
N ILE A 125 13.60 0.60 -5.61
CA ILE A 125 12.96 -0.68 -5.27
C ILE A 125 11.55 -0.70 -5.85
N ALA A 126 11.16 -1.84 -6.42
CA ALA A 126 9.77 -2.12 -6.67
C ALA A 126 9.36 -3.40 -5.96
N LEU A 127 8.20 -3.42 -5.32
CA LEU A 127 7.75 -4.67 -4.70
C LEU A 127 6.28 -4.95 -4.91
N THR A 128 5.92 -6.23 -4.86
CA THR A 128 4.54 -6.60 -4.94
C THR A 128 4.33 -7.85 -4.11
N GLY A 129 3.09 -8.30 -4.01
CA GLY A 129 2.74 -9.43 -3.17
C GLY A 129 1.26 -9.37 -2.91
N SER A 130 0.68 -10.47 -2.42
CA SER A 130 -0.75 -10.45 -2.13
C SER A 130 -1.01 -9.71 -0.80
N SER A 131 -0.11 -9.87 0.16
CA SER A 131 -0.26 -9.20 1.45
C SER A 131 1.08 -8.66 1.93
N GLY A 132 1.02 -7.66 2.81
CA GLY A 132 2.23 -7.09 3.38
C GLY A 132 2.96 -6.04 2.58
N LYS A 133 2.44 -5.63 1.41
CA LYS A 133 3.16 -4.65 0.57
C LYS A 133 3.37 -3.32 1.29
N THR A 134 2.29 -2.79 1.82
CA THR A 134 2.33 -1.46 2.43
C THR A 134 3.20 -1.49 3.68
N THR A 135 3.04 -2.52 4.50
CA THR A 135 3.82 -2.61 5.74
C THR A 135 5.31 -2.75 5.43
N THR A 136 5.65 -3.61 4.46
CA THR A 136 7.05 -3.77 4.07
C THR A 136 7.61 -2.48 3.47
N LYS A 137 6.81 -1.80 2.65
CA LYS A 137 7.20 -0.51 2.12
C LYS A 137 7.48 0.52 3.25
N GLU A 138 6.63 0.56 4.27
CA GLU A 138 6.85 1.49 5.40
C GLU A 138 8.14 1.15 6.16
N MET A 139 8.40 -0.14 6.36
CA MET A 139 9.65 -0.57 6.99
C MET A 139 10.87 -0.12 6.19
N LEU A 140 10.85 -0.33 4.87
CA LEU A 140 11.94 0.14 4.01
C LEU A 140 12.07 1.65 4.06
N GLY A 141 10.94 2.34 4.07
CA GLY A 141 10.95 3.79 4.18
C GLY A 141 11.67 4.26 5.43
N SER A 142 11.39 3.61 6.55
CA SER A 142 12.05 3.95 7.80
C SER A 142 13.56 3.71 7.73
N ILE A 143 13.96 2.57 7.17
CA ILE A 143 15.38 2.26 7.00
C ILE A 143 16.08 3.30 6.13
N LEU A 144 15.50 3.58 4.97
CA LEU A 144 16.20 4.40 3.99
C LEU A 144 16.14 5.89 4.33
N SER A 145 15.04 6.34 4.94
CA SER A 145 14.92 7.77 5.26
C SER A 145 15.92 8.21 6.33
N ARG A 146 16.41 7.27 7.13
CA ARG A 146 17.47 7.58 8.08
C ARG A 146 18.76 7.98 7.37
N LEU A 147 18.95 7.50 6.14
CA LEU A 147 20.22 7.66 5.42
C LEU A 147 20.21 8.82 4.42
N ALA A 148 19.07 9.02 3.74
CA ALA A 148 18.96 10.03 2.70
C ALA A 148 17.48 10.25 2.37
N PRO A 149 17.15 11.39 1.73
CA PRO A 149 15.77 11.62 1.30
C PRO A 149 15.22 10.47 0.45
N THR A 150 14.03 10.00 0.81
CA THR A 150 13.45 8.81 0.21
C THR A 150 11.99 9.06 -0.18
N LEU A 151 11.61 8.65 -1.39
CA LEU A 151 10.22 8.73 -1.82
C LEU A 151 9.59 7.35 -1.70
N ILE A 152 8.47 7.22 -1.00
CA ILE A 152 7.75 5.95 -1.02
C ILE A 152 6.29 6.14 -1.45
N THR A 153 5.69 5.08 -1.97
CA THR A 153 4.30 5.10 -2.40
C THR A 153 3.40 5.61 -1.28
N ARG A 154 2.52 6.56 -1.62
CA ARG A 154 1.53 7.05 -0.68
CA ARG A 154 1.53 7.04 -0.67
C ARG A 154 0.20 6.32 -0.88
N GLY A 155 -0.39 5.85 0.21
CA GLY A 155 -1.68 5.16 0.14
C GLY A 155 -1.79 4.06 -0.91
N ASN A 156 -2.84 4.09 -1.71
CA ASN A 156 -3.02 3.02 -2.69
C ASN A 156 -2.65 3.45 -4.11
N LEU A 157 -1.71 4.37 -4.25
CA LEU A 157 -1.31 4.79 -5.59
C LEU A 157 -0.33 3.82 -6.19
N ASN A 158 -0.82 2.63 -6.58
CA ASN A 158 0.05 1.51 -6.93
C ASN A 158 -0.36 0.80 -8.21
N ASN A 159 -1.23 1.45 -8.98
CA ASN A 159 -1.73 0.90 -10.26
C ASN A 159 -1.26 1.71 -11.46
N ASP A 160 -1.92 1.53 -12.62
CA ASP A 160 -1.40 2.12 -13.85
C ASP A 160 -1.44 3.64 -13.86
N LEU A 161 -2.33 4.23 -13.05
CA LEU A 161 -2.34 5.68 -12.87
C LEU A 161 -1.54 6.11 -11.64
N GLY A 162 -1.68 5.39 -10.54
CA GLY A 162 -1.05 5.78 -9.29
C GLY A 162 0.48 5.74 -9.30
N VAL A 163 1.07 4.77 -9.98
CA VAL A 163 2.53 4.64 -10.02
C VAL A 163 3.16 5.87 -10.70
N PRO A 164 2.75 6.21 -11.94
CA PRO A 164 3.38 7.43 -12.48
C PRO A 164 3.01 8.70 -11.70
N MET A 165 1.82 8.78 -11.10
CA MET A 165 1.49 9.95 -10.28
CA MET A 165 1.47 9.93 -10.27
C MET A 165 2.51 10.11 -9.17
N MET A 166 2.94 8.99 -8.58
CA MET A 166 3.95 9.05 -7.51
C MET A 166 5.31 9.54 -8.02
N LEU A 167 5.71 9.06 -9.17
CA LEU A 167 7.02 9.42 -9.73
C LEU A 167 7.10 10.90 -10.07
N LEU A 168 5.95 11.56 -10.26
CA LEU A 168 5.93 13.00 -10.46
C LEU A 168 6.45 13.74 -9.23
N GLU A 169 6.42 13.09 -8.08
CA GLU A 169 6.85 13.72 -6.83
C GLU A 169 8.34 13.55 -6.58
N LEU A 170 9.06 12.90 -7.51
CA LEU A 170 10.52 12.80 -7.37
C LEU A 170 11.20 14.17 -7.45
N ARG A 171 12.25 14.33 -6.66
CA ARG A 171 13.07 15.53 -6.60
C ARG A 171 14.56 15.17 -6.68
N LYS A 172 15.40 16.11 -7.09
CA LYS A 172 16.84 15.84 -7.17
C LYS A 172 17.45 15.42 -5.83
N GLU A 173 16.82 15.82 -4.73
CA GLU A 173 17.33 15.46 -3.38
C GLU A 173 17.15 13.99 -3.05
N HIS A 174 16.16 13.33 -3.66
CA HIS A 174 15.87 11.92 -3.38
C HIS A 174 17.01 11.03 -3.84
N GLN A 175 17.45 10.15 -2.96
CA GLN A 175 18.48 9.15 -3.30
C GLN A 175 17.87 7.76 -3.40
N TYR A 176 16.68 7.58 -2.85
CA TYR A 176 15.99 6.29 -2.85
C TYR A 176 14.53 6.46 -3.21
N ALA A 177 13.95 5.44 -3.85
CA ALA A 177 12.51 5.35 -4.08
C ALA A 177 12.03 3.93 -3.80
N VAL A 178 10.89 3.79 -3.12
CA VAL A 178 10.30 2.49 -2.83
C VAL A 178 8.89 2.49 -3.39
N MET A 179 8.71 1.78 -4.51
CA MET A 179 7.44 1.76 -5.24
C MET A 179 6.67 0.47 -5.04
N GLU A 180 5.51 0.58 -4.38
CA GLU A 180 4.56 -0.52 -4.25
C GLU A 180 3.80 -0.70 -5.57
N LEU A 181 3.76 -1.93 -6.08
CA LEU A 181 2.97 -2.22 -7.28
C LEU A 181 1.87 -3.21 -6.92
N GLY A 182 0.63 -2.84 -7.19
CA GLY A 182 -0.50 -3.56 -6.67
C GLY A 182 -1.27 -4.49 -7.58
N ALA A 183 -0.88 -4.52 -8.85
CA ALA A 183 -1.70 -5.20 -9.84
C ALA A 183 -1.78 -6.71 -9.63
N ASN A 184 -2.88 -7.31 -10.05
CA ASN A 184 -3.09 -8.76 -9.91
C ASN A 184 -3.31 -9.48 -11.25
N HIS A 185 -3.54 -8.71 -12.32
CA HIS A 185 -3.94 -9.29 -13.61
C HIS A 185 -2.81 -9.27 -14.65
N GLN A 186 -2.85 -10.25 -15.53
CA GLN A 186 -1.86 -10.44 -16.57
C GLN A 186 -1.50 -9.12 -17.27
N GLY A 187 -0.21 -8.83 -17.35
CA GLY A 187 0.28 -7.66 -18.05
C GLY A 187 0.38 -6.34 -17.29
N GLU A 188 -0.31 -6.24 -16.17
CA GLU A 188 -0.35 -4.98 -15.44
C GLU A 188 0.95 -4.64 -14.71
N ILE A 189 1.61 -5.65 -14.15
CA ILE A 189 2.87 -5.42 -13.45
C ILE A 189 3.98 -5.12 -14.46
N ASP A 190 3.94 -5.74 -15.63
CA ASP A 190 4.91 -5.41 -16.65
C ASP A 190 4.83 -3.91 -16.96
N TYR A 191 3.61 -3.39 -17.10
CA TYR A 191 3.40 -1.98 -17.45
C TYR A 191 3.97 -1.02 -16.40
N THR A 192 3.61 -1.23 -15.14
CA THR A 192 4.09 -0.29 -14.12
C THR A 192 5.57 -0.49 -13.79
N SER A 193 6.06 -1.74 -13.80
CA SER A 193 7.47 -1.93 -13.43
C SER A 193 8.40 -1.41 -14.53
N LYS A 194 7.93 -1.44 -15.78
CA LYS A 194 8.69 -0.87 -16.88
C LYS A 194 8.85 0.65 -16.72
N ILE A 195 7.81 1.31 -16.23
CA ILE A 195 7.86 2.74 -15.97
C ILE A 195 8.84 3.01 -14.83
N VAL A 196 8.80 2.16 -13.81
CA VAL A 196 9.64 2.35 -12.61
C VAL A 196 11.14 2.13 -12.83
N GLN A 197 11.50 1.12 -13.61
CA GLN A 197 12.90 0.76 -13.85
C GLN A 197 13.67 0.54 -12.53
N PRO A 198 13.33 -0.54 -11.81
CA PRO A 198 13.93 -0.78 -10.49
C PRO A 198 15.32 -1.40 -10.54
N HIS A 199 16.15 -1.10 -9.53
CA HIS A 199 17.40 -1.80 -9.34
C HIS A 199 17.17 -3.11 -8.59
N VAL A 200 16.19 -3.11 -7.70
CA VAL A 200 15.89 -4.26 -6.85
C VAL A 200 14.39 -4.48 -6.85
N ALA A 201 13.94 -5.70 -7.14
CA ALA A 201 12.49 -5.94 -7.17
C ALA A 201 12.16 -7.36 -6.79
N GLY A 202 10.94 -7.59 -6.31
CA GLY A 202 10.53 -8.94 -6.00
C GLY A 202 9.15 -9.07 -5.41
N ILE A 203 8.82 -10.29 -5.01
CA ILE A 203 7.48 -10.70 -4.60
C ILE A 203 7.48 -11.12 -3.13
N LEU A 204 6.52 -10.64 -2.34
CA LEU A 204 6.47 -11.03 -0.92
C LEU A 204 5.79 -12.39 -0.67
N ASN A 205 4.70 -12.63 -1.38
CA ASN A 205 3.93 -13.86 -1.25
C ASN A 205 2.89 -13.95 -2.35
N ILE A 206 2.36 -15.15 -2.58
CA ILE A 206 1.17 -15.35 -3.40
C ILE A 206 0.02 -15.81 -2.52
N GLY A 207 -1.08 -15.05 -2.52
CA GLY A 207 -2.21 -15.35 -1.66
C GLY A 207 -3.32 -16.12 -2.36
N THR A 208 -4.55 -15.91 -1.91
CA THR A 208 -5.69 -16.70 -2.37
C THR A 208 -6.34 -16.19 -3.65
N ALA A 209 -7.13 -17.05 -4.27
CA ALA A 209 -7.69 -16.83 -5.60
C ALA A 209 -8.72 -15.70 -5.67
N HIS A 210 -8.51 -14.80 -6.62
CA HIS A 210 -9.43 -13.68 -6.85
C HIS A 210 -10.43 -14.01 -7.95
N PHE A 214 -10.57 -15.35 -11.62
CA PHE A 214 -10.12 -16.16 -12.76
C PHE A 214 -8.60 -16.25 -12.80
N GLY A 215 -8.10 -17.27 -13.50
CA GLY A 215 -6.66 -17.51 -13.58
C GLY A 215 -6.15 -18.33 -12.41
N GLY A 216 -6.82 -18.20 -11.26
CA GLY A 216 -6.43 -18.92 -10.06
C GLY A 216 -5.15 -18.36 -9.49
N ARG A 217 -4.60 -19.03 -8.50
CA ARG A 217 -3.35 -18.59 -7.88
C ARG A 217 -2.22 -18.64 -8.89
N ASP A 218 -2.29 -19.58 -9.82
CA ASP A 218 -1.28 -19.68 -10.88
C ASP A 218 -1.21 -18.37 -11.66
N GLY A 219 -2.37 -17.79 -11.94
CA GLY A 219 -2.43 -16.52 -12.66
C GLY A 219 -1.86 -15.36 -11.88
N ILE A 220 -2.12 -15.35 -10.58
CA ILE A 220 -1.56 -14.33 -9.69
C ILE A 220 -0.04 -14.44 -9.68
N CYS A 221 0.46 -15.67 -9.66
CA CYS A 221 1.91 -15.87 -9.65
C CYS A 221 2.53 -15.34 -10.94
N ARG A 222 1.93 -15.68 -12.10
CA ARG A 222 2.48 -15.23 -13.37
C ARG A 222 2.47 -13.71 -13.48
N ALA A 223 1.37 -13.10 -13.07
CA ALA A 223 1.25 -11.64 -13.09
C ALA A 223 2.32 -10.96 -12.26
N LYS A 224 2.46 -11.39 -11.01
CA LYS A 224 3.39 -10.71 -10.14
C LYS A 224 4.83 -11.02 -10.56
N SER A 225 5.07 -12.17 -11.18
CA SER A 225 6.39 -12.52 -11.71
C SER A 225 6.86 -11.56 -12.82
N GLU A 226 5.94 -10.77 -13.38
CA GLU A 226 6.33 -9.73 -14.35
C GLU A 226 7.24 -8.68 -13.71
N ILE A 227 7.29 -8.62 -12.37
CA ILE A 227 8.09 -7.60 -11.71
C ILE A 227 9.61 -7.82 -11.90
N TYR A 228 10.03 -9.02 -12.29
CA TYR A 228 11.46 -9.28 -12.53
C TYR A 228 11.92 -8.85 -13.94
N ARG A 229 10.98 -8.54 -14.83
CA ARG A 229 11.34 -8.34 -16.24
C ARG A 229 12.23 -7.12 -16.50
N HIS A 230 12.05 -6.06 -15.73
CA HIS A 230 12.74 -4.80 -16.03
C HIS A 230 13.75 -4.36 -14.95
N ILE A 231 14.20 -5.31 -14.15
CA ILE A 231 15.30 -5.05 -13.20
C ILE A 231 16.54 -4.64 -14.00
N LEU A 232 17.18 -3.56 -13.56
CA LEU A 232 18.32 -3.00 -14.28
C LEU A 232 19.57 -3.89 -14.18
N PRO A 233 20.55 -3.70 -15.09
CA PRO A 233 21.79 -4.49 -15.07
C PRO A 233 22.49 -4.48 -13.71
N GLN A 234 22.99 -5.64 -13.30
CA GLN A 234 23.64 -5.87 -12.01
C GLN A 234 22.71 -5.63 -10.82
N GLY A 235 21.41 -5.63 -11.08
CA GLY A 235 20.44 -5.51 -9.99
C GLY A 235 20.20 -6.81 -9.24
N VAL A 236 19.16 -6.82 -8.40
CA VAL A 236 18.87 -7.98 -7.57
C VAL A 236 17.38 -8.30 -7.59
N ALA A 237 17.07 -9.58 -7.73
CA ALA A 237 15.70 -10.09 -7.58
C ALA A 237 15.50 -10.67 -6.19
N ILE A 238 14.42 -10.29 -5.53
CA ILE A 238 14.10 -10.80 -4.18
C ILE A 238 13.01 -11.85 -4.33
N VAL A 239 13.25 -13.03 -3.76
CA VAL A 239 12.29 -14.13 -3.86
C VAL A 239 11.89 -14.61 -2.47
N PRO A 240 10.63 -15.04 -2.31
CA PRO A 240 10.20 -15.64 -1.04
C PRO A 240 10.54 -17.12 -0.98
N GLN A 241 11.30 -17.52 0.03
CA GLN A 241 11.75 -18.91 0.12
C GLN A 241 10.69 -19.85 0.69
N GLN A 242 9.68 -19.29 1.35
CA GLN A 242 8.61 -20.13 1.90
C GLN A 242 7.26 -19.74 1.35
N ASP A 243 7.09 -19.94 0.05
CA ASP A 243 5.81 -19.70 -0.58
C ASP A 243 5.41 -20.93 -1.38
N ASP A 244 4.12 -21.13 -1.61
CA ASP A 244 3.67 -22.27 -2.40
C ASP A 244 4.26 -22.20 -3.80
N PHE A 245 4.66 -21.02 -4.22
CA PHE A 245 5.15 -20.80 -5.59
C PHE A 245 6.63 -20.44 -5.62
N THR A 246 7.35 -20.76 -4.55
CA THR A 246 8.76 -20.41 -4.45
C THR A 246 9.58 -20.90 -5.66
N ALA A 247 9.39 -22.15 -6.06
CA ALA A 247 10.14 -22.72 -7.18
C ALA A 247 9.87 -21.99 -8.51
N GLU A 248 8.59 -21.73 -8.81
CA GLU A 248 8.24 -21.01 -10.02
C GLU A 248 8.75 -19.57 -10.01
N ILE A 249 8.69 -18.91 -8.85
CA ILE A 249 9.18 -17.56 -8.73
C ILE A 249 10.70 -17.51 -8.94
N ARG A 250 11.43 -18.49 -8.40
CA ARG A 250 12.89 -18.50 -8.59
C ARG A 250 13.23 -18.68 -10.08
N GLU A 251 12.46 -19.49 -10.80
CA GLU A 251 12.64 -19.60 -12.24
C GLU A 251 12.40 -18.28 -12.98
N ALA A 252 11.36 -17.56 -12.57
CA ALA A 252 11.03 -16.28 -13.20
C ALA A 252 12.13 -15.24 -12.97
N ALA A 253 12.87 -15.38 -11.87
CA ALA A 253 13.93 -14.44 -11.53
C ALA A 253 15.32 -14.85 -12.05
N LYS A 254 15.41 -15.90 -12.85
CA LYS A 254 16.73 -16.50 -13.12
C LYS A 254 17.67 -15.64 -13.99
N SER A 255 17.17 -14.57 -14.60
CA SER A 255 18.04 -13.68 -15.37
C SER A 255 18.71 -12.61 -14.49
N HIS A 256 18.57 -12.74 -13.17
CA HIS A 256 19.11 -11.74 -12.25
C HIS A 256 19.80 -12.42 -11.08
N GLN A 257 20.73 -11.70 -10.45
CA GLN A 257 21.23 -12.09 -9.14
C GLN A 257 20.05 -12.18 -8.19
N ILE A 258 20.04 -13.22 -7.35
CA ILE A 258 18.90 -13.49 -6.46
C ILE A 258 19.32 -13.45 -4.98
N MET A 259 18.48 -12.82 -4.16
CA MET A 259 18.49 -13.04 -2.70
C MET A 259 17.10 -13.49 -2.22
N SER A 260 17.06 -14.33 -1.19
CA SER A 260 15.78 -14.86 -0.70
C SER A 260 15.52 -14.49 0.78
N PHE A 261 14.24 -14.52 1.18
CA PHE A 261 13.91 -14.33 2.59
C PHE A 261 12.92 -15.42 3.03
N GLY A 262 12.97 -15.80 4.31
CA GLY A 262 12.11 -16.83 4.85
C GLY A 262 12.93 -18.02 5.31
N ALA A 263 12.30 -18.96 6.00
CA ALA A 263 13.04 -20.11 6.53
C ALA A 263 13.73 -20.87 5.38
N GLY A 264 15.00 -21.21 5.58
CA GLY A 264 15.77 -21.88 4.55
C GLY A 264 16.37 -20.93 3.53
N GLY A 265 16.09 -19.64 3.68
CA GLY A 265 16.55 -18.64 2.73
C GLY A 265 17.74 -17.86 3.27
N ASP A 266 18.08 -16.78 2.56
CA ASP A 266 19.23 -15.94 2.91
C ASP A 266 19.00 -15.14 4.18
N VAL A 267 17.78 -14.62 4.31
CA VAL A 267 17.39 -13.77 5.44
C VAL A 267 16.22 -14.41 6.16
N PHE A 268 16.38 -14.73 7.46
CA PHE A 268 15.34 -15.45 8.21
C PHE A 268 15.40 -15.09 9.70
N ALA A 269 14.31 -15.41 10.41
CA ALA A 269 14.18 -15.12 11.85
C ALA A 269 14.15 -16.41 12.65
N THR A 270 14.82 -16.42 13.81
CA THR A 270 14.68 -17.51 14.77
C THR A 270 14.36 -16.95 16.17
N GLU A 271 14.04 -17.86 17.10
CA GLU A 271 13.56 -17.56 18.46
C GLU A 271 12.63 -16.35 18.52
N ILE A 272 11.57 -16.39 17.72
CA ILE A 272 10.56 -15.35 17.71
C ILE A 272 9.76 -15.36 19.00
N GLU A 273 9.63 -14.19 19.62
CA GLU A 273 8.80 -14.02 20.80
C GLU A 273 7.77 -12.97 20.51
N LEU A 274 6.50 -13.35 20.55
CA LEU A 274 5.42 -12.43 20.21
C LEU A 274 4.93 -11.75 21.47
N LEU A 275 5.14 -10.45 21.53
CA LEU A 275 4.76 -9.66 22.70
C LEU A 275 3.42 -8.96 22.42
N PRO A 276 2.80 -8.35 23.44
CA PRO A 276 1.51 -7.69 23.18
C PRO A 276 1.50 -6.62 22.07
N GLN A 277 2.56 -5.82 21.93
CA GLN A 277 2.58 -4.79 20.88
C GLN A 277 3.83 -4.84 20.01
N SER A 278 4.58 -5.93 20.07
CA SER A 278 5.86 -6.00 19.37
C SER A 278 6.30 -7.43 19.21
N ALA A 279 7.47 -7.63 18.62
CA ALA A 279 8.02 -8.96 18.43
C ALA A 279 9.54 -8.93 18.57
N ASN A 280 10.08 -9.81 19.40
CA ASN A 280 11.53 -10.05 19.50
C ASN A 280 11.94 -11.23 18.62
N PHE A 281 13.08 -11.13 17.94
CA PHE A 281 13.66 -12.28 17.25
C PHE A 281 15.14 -12.08 16.93
N GLN A 282 15.81 -13.18 16.61
CA GLN A 282 17.17 -13.13 16.11
C GLN A 282 17.12 -13.13 14.59
N LEU A 283 17.79 -12.14 13.99
CA LEU A 283 17.79 -11.99 12.55
C LEU A 283 19.09 -12.53 11.95
N HIS A 284 19.00 -13.33 10.89
CA HIS A 284 20.17 -13.97 10.29
C HIS A 284 20.29 -13.55 8.82
N THR A 285 21.46 -13.13 8.37
CA THR A 285 21.66 -12.66 6.99
C THR A 285 23.04 -13.06 6.47
N PRO A 286 23.29 -12.92 5.14
CA PRO A 286 24.66 -13.18 4.64
C PRO A 286 25.66 -12.11 5.09
N GLN A 287 25.16 -11.02 5.66
CA GLN A 287 26.04 -9.96 6.19
C GLN A 287 26.15 -9.99 7.71
N GLY A 288 25.79 -11.09 8.35
CA GLY A 288 25.88 -11.20 9.79
C GLY A 288 24.52 -11.30 10.47
N SER A 289 24.51 -11.35 11.80
CA SER A 289 23.26 -11.53 12.54
C SER A 289 23.07 -10.43 13.59
N SER A 290 21.83 -10.26 14.05
CA SER A 290 21.53 -9.28 15.11
C SER A 290 20.22 -9.61 15.82
N PHE A 291 20.11 -9.28 17.10
CA PHE A 291 18.79 -9.34 17.72
C PHE A 291 17.95 -8.17 17.19
N VAL A 292 16.64 -8.34 17.12
CA VAL A 292 15.76 -7.25 16.68
C VAL A 292 14.60 -7.12 17.65
N ARG A 293 14.38 -5.91 18.18
CA ARG A 293 13.17 -5.61 18.94
C ARG A 293 12.21 -4.82 18.03
N LEU A 294 11.36 -5.57 17.32
CA LEU A 294 10.49 -5.01 16.28
C LEU A 294 9.16 -4.49 16.84
N PRO A 295 8.89 -3.19 16.66
CA PRO A 295 7.68 -2.58 17.24
C PRO A 295 6.44 -2.80 16.37
N PHE A 296 6.27 -4.03 15.92
CA PHE A 296 5.10 -4.46 15.14
C PHE A 296 4.59 -5.74 15.79
N ALA A 297 3.28 -5.92 15.84
CA ALA A 297 2.72 -7.13 16.44
C ALA A 297 2.50 -8.24 15.42
N GLY A 298 2.71 -9.49 15.84
CA GLY A 298 2.31 -10.62 15.02
C GLY A 298 3.35 -11.25 14.13
N GLU A 299 3.20 -12.53 13.84
CA GLU A 299 4.22 -13.28 13.10
C GLU A 299 4.34 -12.80 11.65
N HIS A 300 3.24 -12.36 11.07
CA HIS A 300 3.25 -11.87 9.68
CA HIS A 300 3.28 -11.88 9.68
C HIS A 300 4.17 -10.65 9.54
N ASN A 301 4.22 -9.83 10.58
CA ASN A 301 5.06 -8.64 10.51
C ASN A 301 6.55 -8.95 10.70
N VAL A 302 6.86 -10.07 11.36
CA VAL A 302 8.22 -10.60 11.39
C VAL A 302 8.63 -10.99 9.97
N GLN A 303 7.74 -11.67 9.26
CA GLN A 303 7.98 -11.99 7.85
C GLN A 303 8.21 -10.74 7.01
N ASN A 304 7.38 -9.71 7.21
CA ASN A 304 7.55 -8.46 6.47
C ASN A 304 8.91 -7.83 6.79
N ALA A 305 9.32 -7.87 8.06
CA ALA A 305 10.64 -7.37 8.41
C ALA A 305 11.76 -8.12 7.68
N THR A 306 11.69 -9.45 7.62
CA THR A 306 12.77 -10.20 6.93
C THR A 306 12.82 -9.85 5.43
N ALA A 307 11.68 -9.57 4.82
CA ALA A 307 11.66 -9.14 3.41
C ALA A 307 12.31 -7.76 3.28
N ALA A 308 11.96 -6.83 4.18
CA ALA A 308 12.56 -5.50 4.12
C ALA A 308 14.09 -5.59 4.27
N VAL A 309 14.54 -6.44 5.18
CA VAL A 309 15.99 -6.68 5.36
C VAL A 309 16.62 -7.12 4.02
N ALA A 310 16.02 -8.10 3.35
CA ALA A 310 16.59 -8.59 2.10
C ALA A 310 16.64 -7.50 1.04
N PHE A 311 15.55 -6.75 0.86
CA PHE A 311 15.53 -5.61 -0.07
C PHE A 311 16.62 -4.58 0.25
N ALA A 312 16.79 -4.26 1.53
CA ALA A 312 17.75 -3.23 1.94
C ALA A 312 19.19 -3.71 1.77
N LEU A 313 19.46 -4.97 2.09
CA LEU A 313 20.80 -5.53 1.87
C LEU A 313 21.16 -5.50 0.39
N ALA A 314 20.16 -5.76 -0.46
CA ALA A 314 20.40 -5.75 -1.91
C ALA A 314 20.79 -4.35 -2.41
N LEU A 315 20.43 -3.31 -1.67
CA LEU A 315 20.88 -1.94 -1.97
C LEU A 315 22.19 -1.58 -1.28
N GLY A 316 22.78 -2.51 -0.54
CA GLY A 316 24.06 -2.24 0.12
C GLY A 316 23.97 -1.53 1.47
N VAL A 317 22.77 -1.49 2.05
CA VAL A 317 22.63 -0.86 3.37
C VAL A 317 23.28 -1.80 4.40
N SER A 318 23.99 -1.25 5.40
CA SER A 318 24.60 -2.09 6.43
C SER A 318 23.54 -2.73 7.32
N LEU A 319 23.87 -3.88 7.89
CA LEU A 319 22.94 -4.57 8.80
C LEU A 319 22.62 -3.68 9.99
N GLU A 320 23.61 -2.93 10.44
CA GLU A 320 23.45 -2.04 11.59
CA GLU A 320 23.45 -2.05 11.59
C GLU A 320 22.38 -0.99 11.32
N ASP A 321 22.43 -0.40 10.13
CA ASP A 321 21.46 0.64 9.74
C ASP A 321 20.09 0.02 9.47
N ILE A 322 20.08 -1.21 8.98
CA ILE A 322 18.81 -1.91 8.76
C ILE A 322 18.10 -2.14 10.10
N VAL A 323 18.82 -2.63 11.10
CA VAL A 323 18.20 -2.89 12.40
C VAL A 323 17.72 -1.59 13.03
N LYS A 324 18.52 -0.53 12.94
CA LYS A 324 18.10 0.75 13.51
C LYS A 324 16.81 1.23 12.82
N GLY A 325 16.73 1.06 11.51
CA GLY A 325 15.53 1.46 10.80
C GLY A 325 14.30 0.66 11.18
N LEU A 326 14.46 -0.65 11.36
CA LEU A 326 13.33 -1.50 11.76
C LEU A 326 12.81 -1.13 13.14
N GLU A 327 13.73 -0.85 14.06
CA GLU A 327 13.35 -0.66 15.45
C GLU A 327 12.68 0.69 15.66
N GLN A 328 12.75 1.58 14.68
CA GLN A 328 12.00 2.84 14.82
C GLN A 328 10.93 3.02 13.73
N ALA A 329 10.67 1.96 12.98
CA ALA A 329 9.65 2.01 11.93
C ALA A 329 8.25 2.09 12.53
N GLN A 330 7.34 2.74 11.82
CA GLN A 330 5.96 2.89 12.26
C GLN A 330 4.98 2.34 11.23
N GLY A 331 3.87 1.77 11.71
CA GLY A 331 2.92 1.12 10.84
C GLY A 331 2.00 2.07 10.08
N ALA A 332 1.46 1.60 8.97
CA ALA A 332 0.47 2.39 8.24
C ALA A 332 -0.84 2.46 9.03
N LYS A 333 -1.67 3.44 8.69
CA LYS A 333 -2.94 3.64 9.39
C LYS A 333 -3.87 2.44 9.17
N GLY A 334 -4.54 2.00 10.23
CA GLY A 334 -5.44 0.88 10.14
C GLY A 334 -4.77 -0.48 10.05
N ARG A 335 -3.46 -0.50 10.24
CA ARG A 335 -2.71 -1.76 10.31
C ARG A 335 -2.19 -1.96 11.73
N LEU A 336 -3.00 -2.62 12.56
CA LEU A 336 -2.65 -2.85 13.99
C LEU A 336 -2.06 -1.63 14.67
N ASN A 337 -2.76 -0.51 14.61
CA ASN A 337 -2.36 0.67 15.35
C ASN A 337 -2.85 0.51 16.79
N PHE A 338 -1.93 0.61 17.73
CA PHE A 338 -2.32 0.52 19.14
C PHE A 338 -2.60 1.92 19.71
N ILE A 339 -3.85 2.14 20.07
CA ILE A 339 -4.30 3.45 20.55
C ILE A 339 -4.70 3.42 22.02
N GLN A 340 -3.84 4.01 22.86
CA GLN A 340 -4.08 4.04 24.30
C GLN A 340 -5.07 5.14 24.67
N LYS A 341 -6.13 4.75 25.37
CA LYS A 341 -7.13 5.69 25.85
C LYS A 341 -7.47 5.37 27.30
N THR A 342 -6.43 5.39 28.14
CA THR A 342 -6.49 5.05 29.57
C THR A 342 -7.83 5.30 30.25
N PRO A 343 -8.36 4.28 30.97
CA PRO A 343 -7.75 2.96 31.12
C PRO A 343 -8.27 1.93 30.11
N HIS A 344 -8.28 2.29 28.84
CA HIS A 344 -8.73 1.36 27.80
C HIS A 344 -7.74 1.29 26.64
N LEU A 345 -7.77 0.20 25.88
CA LEU A 345 -6.96 0.06 24.69
C LEU A 345 -7.85 -0.13 23.46
N PHE A 346 -7.46 0.52 22.37
CA PHE A 346 -8.16 0.40 21.08
C PHE A 346 -7.17 0.03 19.99
N ILE A 347 -7.36 -1.16 19.42
CA ILE A 347 -6.50 -1.60 18.34
C ILE A 347 -7.20 -1.33 17.01
N ASP A 348 -6.61 -0.47 16.19
CA ASP A 348 -7.15 -0.13 14.86
C ASP A 348 -6.55 -1.03 13.78
N ASP A 349 -7.28 -2.09 13.43
CA ASP A 349 -6.87 -2.98 12.36
C ASP A 349 -7.93 -2.94 11.25
N THR A 350 -8.50 -1.75 11.05
CA THR A 350 -9.69 -1.57 10.22
C THR A 350 -9.43 -1.44 8.71
N TYR A 351 -8.17 -1.47 8.29
CA TYR A 351 -7.86 -1.25 6.87
C TYR A 351 -8.57 -2.26 5.96
N ASN A 352 -8.47 -3.56 6.26
CA ASN A 352 -9.18 -4.56 5.46
C ASN A 352 -9.37 -5.87 6.22
N ALA A 353 -9.94 -6.86 5.54
CA ALA A 353 -10.19 -8.16 6.17
C ALA A 353 -10.39 -9.29 5.15
N ASN A 354 -9.97 -10.49 5.55
CA ASN A 354 -10.32 -11.72 4.87
C ASN A 354 -10.41 -12.82 5.95
N PRO A 355 -11.08 -13.96 5.64
CA PRO A 355 -11.26 -15.02 6.64
C PRO A 355 -10.00 -15.44 7.40
N THR A 356 -8.85 -15.42 6.74
CA THR A 356 -7.60 -15.80 7.39
C THR A 356 -7.11 -14.70 8.33
N SER A 357 -7.06 -13.47 7.84
CA SER A 357 -6.56 -12.34 8.62
C SER A 357 -7.49 -11.98 9.78
N MET A 358 -8.78 -12.23 9.61
CA MET A 358 -9.76 -11.99 10.66
C MET A 358 -9.48 -12.86 11.89
N ARG A 359 -9.14 -14.13 11.64
CA ARG A 359 -8.79 -15.06 12.72
C ARG A 359 -7.45 -14.71 13.33
N ALA A 360 -6.55 -14.20 12.50
CA ALA A 360 -5.22 -13.79 12.95
C ALA A 360 -5.29 -12.61 13.92
N ALA A 361 -6.21 -11.69 13.65
CA ALA A 361 -6.38 -10.49 14.45
C ALA A 361 -6.83 -10.86 15.86
N ALA A 362 -7.72 -11.85 15.94
CA ALA A 362 -8.22 -12.34 17.21
C ALA A 362 -7.07 -12.81 18.09
N GLN A 363 -6.06 -13.41 17.46
CA GLN A 363 -4.87 -13.89 18.17
C GLN A 363 -4.07 -12.75 18.79
N VAL A 364 -4.06 -11.60 18.13
CA VAL A 364 -3.38 -10.41 18.67
C VAL A 364 -4.18 -9.85 19.85
N LEU A 365 -5.49 -9.79 19.72
CA LEU A 365 -6.36 -9.33 20.80
C LEU A 365 -6.26 -10.26 22.02
N LEU A 366 -6.01 -11.54 21.76
CA LEU A 366 -5.88 -12.53 22.83
C LEU A 366 -4.67 -12.26 23.71
N GLN A 367 -3.73 -11.47 23.22
CA GLN A 367 -2.51 -11.17 23.98
C GLN A 367 -2.64 -9.97 24.92
N GLN A 368 -3.77 -9.26 24.83
CA GLN A 368 -3.92 -8.01 25.56
C GLN A 368 -4.48 -8.21 26.95
N ASN A 369 -4.29 -7.20 27.80
CA ASN A 369 -4.87 -7.18 29.13
C ASN A 369 -6.34 -6.76 29.07
N GLY A 370 -7.06 -7.00 30.16
CA GLY A 370 -8.43 -6.51 30.30
C GLY A 370 -9.51 -7.34 29.62
N ILE A 371 -10.73 -6.80 29.63
CA ILE A 371 -11.86 -7.42 28.94
C ILE A 371 -11.66 -7.29 27.43
N LYS A 372 -11.51 -8.43 26.76
CA LYS A 372 -11.20 -8.44 25.33
C LYS A 372 -12.48 -8.46 24.48
N VAL A 373 -12.67 -7.40 23.70
CA VAL A 373 -13.86 -7.28 22.84
C VAL A 373 -13.45 -7.11 21.38
N MET A 374 -13.83 -8.06 20.55
CA MET A 374 -13.53 -7.99 19.13
C MET A 374 -14.75 -7.51 18.34
N VAL A 375 -14.65 -6.32 17.77
CA VAL A 375 -15.74 -5.74 17.00
C VAL A 375 -15.44 -5.92 15.52
N MET A 376 -16.27 -6.70 14.82
CA MET A 376 -15.96 -7.03 13.43
C MET A 376 -17.10 -6.72 12.47
N GLY A 377 -16.72 -6.22 11.29
CA GLY A 377 -17.67 -5.96 10.21
C GLY A 377 -17.61 -7.07 9.17
N ASP A 378 -18.37 -6.91 8.09
CA ASP A 378 -18.43 -7.94 7.06
C ASP A 378 -17.10 -8.15 6.36
N ILE A 379 -16.87 -9.36 5.88
CA ILE A 379 -15.77 -9.67 5.00
C ILE A 379 -16.31 -9.82 3.58
N GLY A 380 -15.87 -8.92 2.69
CA GLY A 380 -16.38 -8.91 1.32
C GLY A 380 -15.68 -9.87 0.38
N GLU A 381 -16.05 -9.79 -0.90
CA GLU A 381 -15.41 -10.55 -1.97
C GLU A 381 -15.47 -12.07 -1.77
N LEU A 382 -16.40 -12.53 -0.93
CA LEU A 382 -16.52 -13.96 -0.64
C LEU A 382 -17.54 -14.63 -1.56
N SER A 386 -20.33 -17.06 1.08
CA SER A 386 -20.20 -15.96 2.03
C SER A 386 -20.88 -16.28 3.36
N TRP A 387 -22.08 -16.84 3.31
CA TRP A 387 -22.83 -17.17 4.51
C TRP A 387 -22.15 -18.28 5.31
N GLN A 388 -21.76 -19.34 4.61
CA GLN A 388 -21.08 -20.47 5.25
C GLN A 388 -19.75 -20.02 5.83
N GLU A 389 -19.12 -19.04 5.18
CA GLU A 389 -17.84 -18.51 5.62
C GLU A 389 -17.95 -17.82 6.99
N HIS A 390 -18.98 -17.00 7.15
CA HIS A 390 -19.20 -16.29 8.40
C HIS A 390 -19.67 -17.24 9.50
N HIS A 391 -20.40 -18.27 9.11
CA HIS A 391 -20.86 -19.29 10.03
C HIS A 391 -19.69 -19.98 10.73
N ASP A 392 -18.64 -20.26 9.94
CA ASP A 392 -17.45 -20.92 10.45
C ASP A 392 -16.55 -19.95 11.20
N LEU A 393 -16.56 -18.69 10.78
CA LEU A 393 -15.78 -17.66 11.45
C LEU A 393 -16.36 -17.41 12.85
N GLY A 394 -17.68 -17.25 12.91
CA GLY A 394 -18.37 -17.06 14.18
C GLY A 394 -18.26 -18.28 15.08
N ARG A 395 -18.09 -19.45 14.47
CA ARG A 395 -17.91 -20.69 15.23
C ARG A 395 -16.49 -20.79 15.78
N ASP A 396 -15.50 -20.52 14.93
CA ASP A 396 -14.10 -20.61 15.33
C ASP A 396 -13.72 -19.57 16.37
N LEU A 397 -14.20 -18.35 16.21
CA LEU A 397 -13.87 -17.26 17.12
C LEU A 397 -14.54 -17.43 18.48
N ALA A 398 -15.68 -18.11 18.50
CA ALA A 398 -16.43 -18.33 19.74
C ALA A 398 -15.74 -19.36 20.63
N GLU A 399 -14.93 -20.22 20.02
CA GLU A 399 -14.19 -21.24 20.75
C GLU A 399 -12.97 -20.63 21.43
N LEU A 400 -12.51 -19.49 20.92
CA LEU A 400 -11.41 -18.76 21.51
C LEU A 400 -11.86 -18.11 22.82
N PRO A 401 -10.93 -17.90 23.76
CA PRO A 401 -11.29 -17.30 25.06
C PRO A 401 -11.50 -15.78 25.01
N LEU A 402 -12.07 -15.29 23.92
CA LEU A 402 -12.48 -13.89 23.84
C LEU A 402 -13.65 -13.65 24.78
N ASP A 403 -13.69 -12.46 25.36
CA ASP A 403 -14.75 -12.12 26.31
C ASP A 403 -16.04 -11.76 25.59
N HIS A 404 -15.94 -10.94 24.55
CA HIS A 404 -17.11 -10.55 23.77
C HIS A 404 -16.80 -10.49 22.28
N ILE A 405 -17.77 -10.85 21.46
CA ILE A 405 -17.67 -10.74 20.02
C ILE A 405 -18.85 -9.92 19.51
N VAL A 406 -18.56 -8.78 18.87
CA VAL A 406 -19.61 -7.92 18.34
C VAL A 406 -19.57 -7.92 16.81
N ALA A 407 -20.49 -8.65 16.20
CA ALA A 407 -20.53 -8.76 14.75
C ALA A 407 -21.51 -7.75 14.14
N VAL A 408 -21.04 -7.00 13.17
CA VAL A 408 -21.81 -5.94 12.54
C VAL A 408 -21.91 -6.15 11.04
N GLY A 409 -23.11 -6.04 10.49
CA GLY A 409 -23.27 -6.10 9.04
C GLY A 409 -24.29 -7.09 8.53
N GLN A 410 -24.16 -7.43 7.25
CA GLN A 410 -25.14 -8.26 6.54
C GLN A 410 -24.96 -9.76 6.82
N PHE A 411 -23.78 -10.13 7.33
CA PHE A 411 -23.50 -11.54 7.60
C PHE A 411 -23.18 -11.77 9.07
N ALA A 412 -23.65 -10.88 9.94
CA ALA A 412 -23.49 -11.04 11.38
C ALA A 412 -24.42 -12.14 11.89
N SER A 413 -25.54 -12.32 11.20
CA SER A 413 -26.51 -13.36 11.54
C SER A 413 -25.92 -14.75 11.31
N ALA A 414 -25.08 -14.88 10.28
CA ALA A 414 -24.44 -16.14 9.97
C ALA A 414 -23.43 -16.52 11.05
N ALA A 415 -22.66 -15.53 11.51
CA ALA A 415 -21.67 -15.74 12.55
C ALA A 415 -22.34 -16.16 13.86
N LEU A 416 -23.52 -15.61 14.10
CA LEU A 416 -24.31 -15.96 15.28
C LEU A 416 -24.62 -17.46 15.28
N GLU A 417 -24.93 -18.00 14.11
CA GLU A 417 -25.05 -19.44 13.94
C GLU A 417 -23.68 -20.08 14.13
N GLY A 418 -23.54 -20.89 15.18
CA GLY A 418 -22.27 -21.49 15.51
C GLY A 418 -21.28 -20.47 16.06
N THR A 424 -23.99 -16.49 24.16
CA THR A 424 -23.79 -15.36 25.06
C THR A 424 -22.58 -14.52 24.64
N LYS A 425 -21.54 -15.20 24.15
CA LYS A 425 -20.28 -14.53 23.79
C LYS A 425 -20.42 -13.63 22.56
N LEU A 426 -21.25 -14.04 21.60
CA LEU A 426 -21.38 -13.30 20.34
C LEU A 426 -22.73 -12.60 20.21
N LYS A 427 -22.70 -11.30 19.90
CA LYS A 427 -23.91 -10.54 19.63
C LYS A 427 -23.88 -10.00 18.20
N ALA A 428 -25.04 -9.99 17.54
CA ALA A 428 -25.12 -9.63 16.12
C ALA A 428 -25.93 -8.36 15.88
N PHE A 429 -25.38 -7.47 15.05
CA PHE A 429 -26.07 -6.24 14.69
C PHE A 429 -26.03 -6.01 13.19
N GLN A 430 -27.16 -5.63 12.63
CA GLN A 430 -27.25 -5.37 11.19
C GLN A 430 -26.52 -4.07 10.84
N THR A 431 -26.70 -3.05 11.68
CA THR A 431 -26.10 -1.74 11.47
C THR A 431 -25.08 -1.42 12.55
N GLN A 432 -24.29 -0.38 12.31
CA GLN A 432 -23.37 0.15 13.32
C GLN A 432 -24.12 0.97 14.34
N ALA A 433 -25.16 1.65 13.88
CA ALA A 433 -25.97 2.52 14.74
C ALA A 433 -26.53 1.76 15.94
N GLU A 434 -26.93 0.51 15.71
CA GLU A 434 -27.48 -0.32 16.78
C GLU A 434 -26.37 -0.97 17.60
N ALA A 435 -25.16 -1.01 17.04
CA ALA A 435 -24.04 -1.66 17.70
C ALA A 435 -23.37 -0.72 18.71
N LEU A 436 -23.38 0.58 18.41
CA LEU A 436 -22.74 1.58 19.25
C LEU A 436 -23.26 1.62 20.71
N PRO A 437 -24.59 1.60 20.92
CA PRO A 437 -25.03 1.59 22.33
C PRO A 437 -24.63 0.33 23.07
N PHE A 438 -24.63 -0.81 22.37
CA PHE A 438 -24.25 -2.07 22.98
C PHE A 438 -22.80 -2.03 23.45
N LEU A 439 -21.93 -1.49 22.60
CA LEU A 439 -20.52 -1.34 22.94
C LEU A 439 -20.34 -0.42 24.15
N ILE A 440 -21.15 0.63 24.18
CA ILE A 440 -21.17 1.57 25.30
C ILE A 440 -21.62 0.85 26.57
N ASN A 441 -22.58 -0.05 26.42
CA ASN A 441 -23.12 -0.78 27.56
C ASN A 441 -22.12 -1.80 28.10
N LEU A 442 -21.23 -2.28 27.23
CA LEU A 442 -20.17 -3.20 27.64
C LEU A 442 -19.19 -2.52 28.59
N ILE A 443 -18.95 -1.23 28.36
CA ILE A 443 -18.11 -0.43 29.24
C ILE A 443 -18.73 -0.40 30.64
N GLN A 444 -20.01 -0.06 30.68
CA GLN A 444 -20.77 0.04 31.93
C GLN A 444 -20.88 -1.31 32.62
N THR A 445 -21.28 -2.33 31.88
CA THR A 445 -21.46 -3.69 32.41
C THR A 445 -20.22 -4.18 33.16
N HIS A 446 -19.04 -3.73 32.73
CA HIS A 446 -17.79 -4.09 33.38
C HIS A 446 -17.23 -2.92 34.16
N GLN A 449 -12.88 -1.77 35.50
CA GLN A 449 -12.21 -2.87 34.81
C GLN A 449 -11.88 -2.51 33.36
N SER A 450 -10.61 -2.54 33.00
CA SER A 450 -10.14 -2.07 31.70
C SER A 450 -10.60 -2.95 30.53
N MET A 451 -10.85 -2.32 29.40
CA MET A 451 -11.30 -3.03 28.20
C MET A 451 -10.24 -2.93 27.10
N SER A 452 -10.11 -3.99 26.31
CA SER A 452 -9.26 -3.97 25.12
C SER A 452 -10.13 -4.25 23.90
N PHE A 453 -10.23 -3.26 23.01
CA PHE A 453 -11.02 -3.40 21.78
C PHE A 453 -10.12 -3.61 20.57
N LEU A 454 -10.56 -4.47 19.66
CA LEU A 454 -9.93 -4.58 18.35
C LEU A 454 -11.04 -4.39 17.32
N PHE A 455 -10.80 -3.52 16.35
CA PHE A 455 -11.78 -3.23 15.29
C PHE A 455 -11.24 -3.67 13.93
N LYS A 456 -12.05 -4.41 13.16
CA LYS A 456 -11.60 -4.92 11.88
C LYS A 456 -12.77 -5.27 10.95
N GLY A 457 -12.58 -5.00 9.67
CA GLY A 457 -13.55 -5.34 8.64
C GLY A 457 -12.98 -5.00 7.29
N SER A 458 -13.65 -5.42 6.21
CA SER A 458 -13.21 -5.06 4.86
C SER A 458 -13.26 -3.55 4.70
N ARG A 459 -12.50 -3.03 3.74
CA ARG A 459 -12.40 -1.57 3.55
C ARG A 459 -13.76 -0.90 3.37
N PHE A 460 -14.69 -1.59 2.72
CA PHE A 460 -15.98 -0.98 2.36
C PHE A 460 -16.91 -0.85 3.57
N THR A 461 -16.59 -1.55 4.66
CA THR A 461 -17.40 -1.49 5.87
C THR A 461 -16.94 -0.35 6.79
N HIS A 462 -15.75 0.19 6.50
CA HIS A 462 -15.10 1.26 7.25
C HIS A 462 -15.41 1.27 8.75
N MET A 463 -14.94 0.23 9.43
CA MET A 463 -15.20 0.08 10.86
C MET A 463 -14.49 1.13 11.71
N GLU A 464 -13.69 1.99 11.06
CA GLU A 464 -12.95 3.01 11.79
C GLU A 464 -13.84 4.18 12.19
N THR A 465 -15.03 4.26 11.62
CA THR A 465 -15.99 5.28 12.04
C THR A 465 -16.67 4.83 13.33
N LEU A 466 -17.05 3.56 13.39
CA LEU A 466 -17.66 3.00 14.60
C LEU A 466 -16.69 3.04 15.77
N MET A 467 -15.40 2.90 15.47
CA MET A 467 -14.36 2.98 16.49
C MET A 467 -14.19 4.41 16.98
N ALA A 468 -14.13 5.35 16.04
CA ALA A 468 -14.04 6.77 16.40
C ALA A 468 -15.29 7.24 17.12
N ASP A 469 -16.43 6.63 16.80
CA ASP A 469 -17.71 6.99 17.42
C ASP A 469 -17.82 6.45 18.84
N LEU A 470 -17.18 5.33 19.12
CA LEU A 470 -17.17 4.78 20.47
C LEU A 470 -16.19 5.56 21.33
N MET A 471 -15.06 5.94 20.73
CA MET A 471 -14.02 6.69 21.42
C MET A 471 -14.45 8.11 21.77
N GLU A 472 -15.35 8.68 20.96
CA GLU A 472 -15.89 10.01 21.17
C GLU A 472 -16.29 10.22 22.63
N LYS A 473 -17.12 9.31 23.13
CA LYS A 473 -17.44 9.21 24.55
C LYS A 473 -18.20 7.92 24.82
#